data_1ZOH
#
_entry.id   1ZOH
#
_cell.length_a   143.560
_cell.length_b   61.090
_cell.length_c   44.690
_cell.angle_alpha   90.00
_cell.angle_beta   102.70
_cell.angle_gamma   90.00
#
_symmetry.space_group_name_H-M   'C 1 2 1'
#
loop_
_entity.id
_entity.type
_entity.pdbx_description
1 polymer 'PROTEIN KINASE CK2, ALPHA SUBUNIT'
2 non-polymer 'SODIUM ION'
3 non-polymer 'CHLORIDE ION'
4 non-polymer 5,6,7,8-TETRABROMO-1-METHYL-2,3-DIHYDRO-1H-IMIDAZO[1,2-A]BENZIMIDAZOLE
5 non-polymer 1,2-ETHANEDIOL
6 water water
#
_entity_poly.entity_id   1
_entity_poly.type   'polypeptide(L)'
_entity_poly.pdbx_seq_one_letter_code
;MSKARVYADVNVLRPKEYWDYEALTVQWGEQDDYEVVRKVGRGKYSEVFEGINVNNNEKCIIKILKPVKKKKIKREIKIL
QNLCGGPNIVKLLDIVRDQHSKTPSLIFEYVNNTDFKVLYPTLTDYDIRYYIYELLKALDYCHSQGIMHRDVKPHNVMID
HELRKLRLIDWGLAEFYHPGKEYNVRVASRYFKGPELLVDLQDYDYSLDMWSLGCMFAGMIFRKEPFFYGHDNHDQLVKI
AKVLGTDGLNVYLNKYRIELDPQLEALVGRHSRKPWLKFMNADNQHLVSPEAIDFLDKLLRYDHQERLTALEAMTHPYFQ
QVRAAENSRTRA
;
_entity_poly.pdbx_strand_id   A
#
# COMPACT_ATOMS: atom_id res chain seq x y z
N MET A 1 2.82 10.91 -22.15
CA MET A 1 2.05 9.71 -21.85
C MET A 1 2.83 8.74 -20.97
N SER A 2 2.78 8.98 -19.67
CA SER A 2 3.55 8.21 -18.71
C SER A 2 3.21 6.72 -18.77
N LYS A 3 4.25 5.91 -18.65
CA LYS A 3 4.15 4.46 -18.54
C LYS A 3 5.09 3.90 -17.47
N ALA A 4 4.74 2.73 -16.95
CA ALA A 4 5.59 2.08 -15.94
C ALA A 4 6.94 1.73 -16.54
N ARG A 5 8.02 1.80 -15.76
CA ARG A 5 9.33 1.45 -16.28
C ARG A 5 9.62 -0.03 -16.26
N VAL A 6 8.80 -0.75 -15.49
CA VAL A 6 8.88 -2.20 -15.35
C VAL A 6 7.50 -2.82 -15.39
N TYR A 7 7.42 -4.10 -15.73
CA TYR A 7 6.17 -4.86 -15.73
C TYR A 7 5.03 -4.22 -16.50
N ALA A 8 5.37 -3.45 -17.51
CA ALA A 8 4.34 -2.68 -18.21
C ALA A 8 3.45 -3.59 -19.04
N ASP A 9 4.00 -4.70 -19.53
CA ASP A 9 3.21 -5.53 -20.44
C ASP A 9 2.66 -6.79 -19.81
N VAL A 10 2.64 -6.82 -18.48
CA VAL A 10 2.17 -8.04 -17.83
C VAL A 10 0.76 -8.42 -18.20
N ASN A 11 -0.18 -7.48 -18.14
CA ASN A 11 -1.56 -7.81 -18.46
C ASN A 11 -1.74 -7.87 -19.97
N VAL A 12 -0.80 -7.26 -20.70
CA VAL A 12 -0.88 -7.40 -22.15
C VAL A 12 -0.69 -8.86 -22.53
N LEU A 13 0.31 -9.49 -21.91
CA LEU A 13 0.66 -10.85 -22.28
C LEU A 13 -0.18 -11.90 -21.59
N ARG A 14 -0.94 -11.54 -20.56
CA ARG A 14 -1.76 -12.58 -19.93
C ARG A 14 -3.04 -12.80 -20.71
N PRO A 15 -3.72 -13.94 -20.53
CA PRO A 15 -5.05 -14.08 -21.11
C PRO A 15 -5.98 -13.02 -20.54
N LYS A 16 -6.95 -12.61 -21.35
CA LYS A 16 -7.87 -11.54 -20.99
C LYS A 16 -8.59 -11.89 -19.68
N GLU A 17 -8.76 -13.19 -19.44
CA GLU A 17 -9.53 -13.61 -18.26
C GLU A 17 -8.79 -13.27 -16.97
N TYR A 18 -7.48 -13.12 -17.07
CA TYR A 18 -6.70 -12.71 -15.90
C TYR A 18 -7.11 -11.34 -15.38
N TRP A 19 -7.30 -10.39 -16.29
CA TRP A 19 -7.54 -9.00 -15.87
C TRP A 19 -8.98 -8.54 -16.08
N ASP A 20 -9.79 -9.31 -16.82
CA ASP A 20 -11.17 -8.88 -17.07
C ASP A 20 -12.05 -9.32 -15.90
N TYR A 21 -11.80 -8.73 -14.74
CA TYR A 21 -12.53 -9.05 -13.54
C TYR A 21 -14.03 -8.87 -13.72
N GLU A 22 -14.48 -8.02 -14.64
CA GLU A 22 -15.95 -7.92 -14.76
C GLU A 22 -16.57 -9.21 -15.28
N ALA A 23 -15.80 -10.05 -15.96
CA ALA A 23 -16.32 -11.29 -16.49
C ALA A 23 -16.26 -12.43 -15.47
N LEU A 24 -15.99 -12.10 -14.20
CA LEU A 24 -15.96 -13.17 -13.21
C LEU A 24 -17.37 -13.53 -12.73
N THR A 25 -17.56 -14.81 -12.46
CA THR A 25 -18.79 -15.23 -11.79
C THR A 25 -18.38 -15.81 -10.44
N VAL A 26 -18.80 -15.16 -9.37
CA VAL A 26 -18.38 -15.55 -8.02
C VAL A 26 -18.86 -16.94 -7.67
N GLN A 27 -18.00 -17.78 -7.12
CA GLN A 27 -18.44 -19.10 -6.68
C GLN A 27 -18.74 -19.07 -5.18
N TRP A 28 -19.93 -18.61 -4.80
CA TRP A 28 -20.25 -18.45 -3.39
C TRP A 28 -20.03 -19.72 -2.58
N GLY A 29 -19.41 -19.55 -1.41
CA GLY A 29 -19.12 -20.68 -0.55
C GLY A 29 -20.24 -20.91 0.45
N GLU A 30 -19.94 -21.57 1.57
CA GLU A 30 -21.06 -21.80 2.49
C GLU A 30 -20.98 -20.88 3.69
N GLN A 31 -21.94 -19.98 3.82
CA GLN A 31 -21.91 -19.00 4.89
C GLN A 31 -21.80 -19.68 6.26
N ASP A 32 -22.34 -20.90 6.36
CA ASP A 32 -22.36 -21.56 7.66
C ASP A 32 -21.00 -22.13 8.05
N ASP A 33 -20.07 -22.29 7.12
CA ASP A 33 -18.79 -22.88 7.51
C ASP A 33 -18.02 -21.93 8.45
N TYR A 34 -18.38 -20.66 8.55
CA TYR A 34 -17.54 -19.70 9.27
C TYR A 34 -18.24 -18.94 10.37
N GLU A 35 -17.78 -19.04 11.61
CA GLU A 35 -18.52 -18.34 12.66
C GLU A 35 -17.75 -17.16 13.22
N VAL A 36 -18.49 -16.07 13.37
CA VAL A 36 -17.88 -14.86 13.92
C VAL A 36 -17.57 -15.13 15.39
N VAL A 37 -16.35 -14.82 15.79
CA VAL A 37 -15.95 -14.97 17.20
C VAL A 37 -15.82 -13.59 17.83
N ARG A 38 -15.05 -12.69 17.24
CA ARG A 38 -14.97 -11.34 17.81
C ARG A 38 -14.69 -10.28 16.74
N LYS A 39 -15.32 -9.12 16.92
CA LYS A 39 -15.07 -7.97 16.06
C LYS A 39 -13.71 -7.37 16.39
N VAL A 40 -12.92 -7.06 15.36
CA VAL A 40 -11.59 -6.49 15.62
C VAL A 40 -11.39 -5.18 14.86
N GLY A 41 -12.30 -4.83 13.94
CA GLY A 41 -12.25 -3.54 13.27
C GLY A 41 -13.51 -3.12 12.56
N ARG A 42 -13.62 -1.85 12.19
CA ARG A 42 -14.70 -1.36 11.32
C ARG A 42 -14.13 -0.29 10.38
N GLY A 43 -14.80 -0.03 9.28
CA GLY A 43 -14.33 0.89 8.25
C GLY A 43 -15.47 1.40 7.41
N LYS A 44 -15.19 2.31 6.47
CA LYS A 44 -16.31 2.78 5.67
C LYS A 44 -16.96 1.64 4.87
N TYR A 45 -16.21 0.60 4.53
CA TYR A 45 -16.69 -0.42 3.60
C TYR A 45 -16.99 -1.77 4.20
N SER A 46 -16.67 -1.93 5.48
CA SER A 46 -16.90 -3.24 6.08
C SER A 46 -16.75 -3.22 7.58
N GLU A 47 -17.10 -4.34 8.19
CA GLU A 47 -16.72 -4.64 9.56
C GLU A 47 -15.87 -5.91 9.59
N VAL A 48 -14.86 -5.99 10.44
CA VAL A 48 -13.93 -7.11 10.42
C VAL A 48 -13.96 -7.92 11.72
N PHE A 49 -13.98 -9.25 11.59
CA PHE A 49 -14.09 -10.09 12.77
C PHE A 49 -13.05 -11.19 12.80
N GLU A 50 -12.57 -11.51 13.99
CA GLU A 50 -11.85 -12.80 14.08
C GLU A 50 -12.91 -13.88 14.00
N GLY A 51 -12.66 -14.98 13.27
CA GLY A 51 -13.69 -16.01 13.28
C GLY A 51 -13.06 -17.40 13.37
N ILE A 52 -13.87 -18.44 13.23
CA ILE A 52 -13.40 -19.81 13.17
C ILE A 52 -13.95 -20.55 11.95
N ASN A 53 -13.16 -21.42 11.33
CA ASN A 53 -13.66 -22.40 10.36
C ASN A 53 -14.07 -23.66 11.15
N VAL A 54 -15.37 -23.78 11.30
CA VAL A 54 -16.11 -24.79 12.03
C VAL A 54 -15.71 -26.19 11.66
N ASN A 55 -15.36 -26.33 10.36
CA ASN A 55 -14.97 -27.64 9.86
C ASN A 55 -13.62 -28.01 10.45
N ASN A 56 -12.62 -27.15 10.36
CA ASN A 56 -11.28 -27.53 10.81
C ASN A 56 -10.81 -26.84 12.08
N ASN A 57 -11.66 -26.05 12.71
CA ASN A 57 -11.39 -25.34 13.96
C ASN A 57 -10.22 -24.35 13.86
N GLU A 58 -9.89 -23.94 12.64
CA GLU A 58 -8.83 -22.98 12.39
C GLU A 58 -9.28 -21.55 12.54
N LYS A 59 -8.52 -20.64 13.13
CA LYS A 59 -8.96 -19.25 13.10
C LYS A 59 -8.95 -18.68 11.69
N CYS A 60 -9.79 -17.68 11.44
CA CYS A 60 -9.77 -16.95 10.19
C CYS A 60 -10.17 -15.51 10.49
N ILE A 61 -10.13 -14.71 9.45
CA ILE A 61 -10.61 -13.33 9.54
C ILE A 61 -11.82 -13.21 8.61
N ILE A 62 -12.87 -12.57 9.14
CA ILE A 62 -14.08 -12.46 8.31
C ILE A 62 -14.40 -10.99 8.13
N LYS A 63 -14.47 -10.57 6.87
CA LYS A 63 -14.77 -9.17 6.55
C LYS A 63 -16.21 -9.10 6.03
N ILE A 64 -17.08 -8.50 6.82
CA ILE A 64 -18.48 -8.38 6.36
C ILE A 64 -18.62 -7.08 5.61
N LEU A 65 -18.96 -7.16 4.33
CA LEU A 65 -18.93 -5.93 3.54
C LEU A 65 -20.24 -5.15 3.62
N LYS A 66 -20.11 -3.83 3.74
CA LYS A 66 -21.32 -3.02 3.57
C LYS A 66 -21.76 -3.06 2.11
N PRO A 67 -22.96 -2.62 1.77
CA PRO A 67 -23.46 -2.70 0.38
C PRO A 67 -22.45 -2.14 -0.62
N VAL A 68 -22.19 -2.96 -1.64
CA VAL A 68 -21.11 -2.64 -2.58
C VAL A 68 -21.55 -3.03 -3.99
N LYS A 69 -21.19 -2.27 -5.02
CA LYS A 69 -21.63 -2.55 -6.38
C LYS A 69 -20.95 -3.83 -6.85
N LYS A 70 -21.64 -4.59 -7.69
CA LYS A 70 -21.10 -5.81 -8.25
C LYS A 70 -19.71 -5.64 -8.87
N LYS A 71 -19.52 -4.56 -9.64
CA LYS A 71 -18.26 -4.37 -10.33
C LYS A 71 -17.11 -4.18 -9.36
N LYS A 72 -17.33 -3.37 -8.33
CA LYS A 72 -16.29 -3.13 -7.32
C LYS A 72 -15.92 -4.41 -6.60
N ILE A 73 -16.87 -5.23 -6.16
CA ILE A 73 -16.44 -6.40 -5.37
C ILE A 73 -15.76 -7.45 -6.26
N LYS A 74 -16.17 -7.60 -7.52
CA LYS A 74 -15.48 -8.53 -8.41
C LYS A 74 -14.03 -8.10 -8.63
N ARG A 75 -13.78 -6.79 -8.63
CA ARG A 75 -12.37 -6.41 -8.86
C ARG A 75 -11.51 -6.87 -7.70
N GLU A 76 -12.03 -6.68 -6.48
CA GLU A 76 -11.25 -7.06 -5.30
C GLU A 76 -11.07 -8.56 -5.26
N ILE A 77 -12.15 -9.29 -5.54
CA ILE A 77 -12.07 -10.74 -5.48
C ILE A 77 -11.08 -11.28 -6.50
N LYS A 78 -11.12 -10.73 -7.72
CA LYS A 78 -10.24 -11.25 -8.77
C LYS A 78 -8.77 -11.03 -8.47
N ILE A 79 -8.51 -9.83 -7.91
CA ILE A 79 -7.11 -9.54 -7.60
C ILE A 79 -6.63 -10.43 -6.46
N LEU A 80 -7.45 -10.61 -5.42
CA LEU A 80 -7.05 -11.54 -4.35
C LEU A 80 -6.77 -12.94 -4.92
N GLN A 81 -7.65 -13.40 -5.82
CA GLN A 81 -7.45 -14.73 -6.40
C GLN A 81 -6.18 -14.77 -7.21
N ASN A 82 -5.92 -13.73 -8.00
CA ASN A 82 -4.72 -13.68 -8.82
C ASN A 82 -3.43 -13.73 -8.02
N LEU A 83 -3.43 -13.17 -6.81
CA LEU A 83 -2.19 -13.05 -6.05
C LEU A 83 -2.05 -14.11 -4.97
N CYS A 84 -3.11 -14.88 -4.77
CA CYS A 84 -3.16 -15.86 -3.68
C CYS A 84 -1.93 -16.76 -3.80
N GLY A 85 -1.25 -16.94 -2.69
CA GLY A 85 -0.08 -17.79 -2.59
C GLY A 85 1.22 -17.01 -2.81
N GLY A 86 1.14 -15.73 -3.17
CA GLY A 86 2.33 -14.96 -3.46
C GLY A 86 3.01 -14.56 -2.16
N PRO A 87 4.29 -14.21 -2.22
CA PRO A 87 5.06 -13.81 -1.03
C PRO A 87 4.38 -12.70 -0.22
N ASN A 88 4.06 -13.04 1.03
CA ASN A 88 3.46 -12.13 1.99
C ASN A 88 2.18 -11.45 1.54
N ILE A 89 1.36 -12.04 0.68
CA ILE A 89 0.06 -11.52 0.30
C ILE A 89 -1.00 -12.17 1.18
N VAL A 90 -1.98 -11.44 1.69
CA VAL A 90 -3.00 -12.11 2.50
C VAL A 90 -3.69 -13.20 1.70
N LYS A 91 -4.03 -14.34 2.30
CA LYS A 91 -4.69 -15.40 1.51
C LYS A 91 -6.21 -15.31 1.60
N LEU A 92 -6.92 -15.10 0.52
CA LEU A 92 -8.37 -15.20 0.50
C LEU A 92 -8.78 -16.68 0.56
N LEU A 93 -9.50 -17.10 1.58
CA LEU A 93 -9.87 -18.49 1.78
C LEU A 93 -11.24 -18.80 1.19
N ASP A 94 -12.18 -17.86 1.25
CA ASP A 94 -13.53 -18.18 0.81
C ASP A 94 -14.33 -16.91 0.59
N ILE A 95 -15.43 -17.03 -0.14
CA ILE A 95 -16.36 -15.95 -0.39
C ILE A 95 -17.79 -16.41 -0.17
N VAL A 96 -18.55 -15.78 0.72
CA VAL A 96 -19.88 -16.26 1.06
C VAL A 96 -20.84 -15.10 1.25
N ARG A 97 -22.14 -15.39 1.40
CA ARG A 97 -23.11 -14.33 1.69
C ARG A 97 -24.34 -14.86 2.40
N ASP A 98 -25.02 -13.97 3.11
CA ASP A 98 -26.27 -14.26 3.81
C ASP A 98 -27.39 -14.51 2.83
N GLN A 99 -28.17 -15.57 3.01
CA GLN A 99 -29.24 -15.83 2.02
C GLN A 99 -30.32 -14.77 2.06
N HIS A 100 -30.73 -14.36 3.27
CA HIS A 100 -31.84 -13.41 3.30
C HIS A 100 -31.48 -12.06 2.68
N SER A 101 -30.31 -11.50 2.99
CA SER A 101 -30.03 -10.15 2.55
C SER A 101 -28.99 -10.06 1.45
N LYS A 102 -28.30 -11.15 1.16
CA LYS A 102 -27.26 -11.15 0.12
C LYS A 102 -26.02 -10.38 0.55
N THR A 103 -25.89 -10.10 1.84
CA THR A 103 -24.65 -9.42 2.26
C THR A 103 -23.44 -10.34 2.07
N PRO A 104 -22.45 -9.96 1.26
CA PRO A 104 -21.27 -10.81 1.08
C PRO A 104 -20.22 -10.61 2.19
N SER A 105 -19.49 -11.66 2.51
CA SER A 105 -18.34 -11.71 3.38
C SER A 105 -17.11 -12.31 2.70
N LEU A 106 -15.94 -11.76 2.96
CA LEU A 106 -14.65 -12.26 2.51
C LEU A 106 -13.89 -12.93 3.66
N ILE A 107 -13.40 -14.14 3.43
CA ILE A 107 -12.79 -14.93 4.48
C ILE A 107 -11.30 -15.06 4.22
N PHE A 108 -10.48 -14.64 5.18
CA PHE A 108 -9.04 -14.66 5.01
C PHE A 108 -8.30 -15.49 6.06
N GLU A 109 -7.08 -15.89 5.70
CA GLU A 109 -6.20 -16.54 6.66
C GLU A 109 -5.99 -15.60 7.84
N TYR A 110 -5.86 -16.11 9.05
CA TYR A 110 -5.65 -15.28 10.25
C TYR A 110 -4.16 -14.97 10.44
N VAL A 111 -3.91 -13.77 10.93
CA VAL A 111 -2.63 -13.23 11.34
C VAL A 111 -2.77 -12.63 12.75
N ASN A 112 -1.93 -13.09 13.67
CA ASN A 112 -1.90 -12.54 15.02
C ASN A 112 -1.20 -11.20 15.05
N ASN A 113 -1.88 -10.15 14.60
CA ASN A 113 -1.31 -8.81 14.44
C ASN A 113 -1.19 -7.97 15.70
N THR A 114 -0.24 -7.03 15.71
CA THR A 114 -0.17 -6.03 16.77
C THR A 114 -0.26 -4.67 16.07
N ASP A 115 -1.23 -3.84 16.43
CA ASP A 115 -1.42 -2.56 15.79
C ASP A 115 -0.09 -1.78 15.75
N PHE A 116 0.17 -1.13 14.61
CA PHE A 116 1.48 -0.48 14.47
C PHE A 116 1.68 0.56 15.55
N LYS A 117 0.62 1.13 16.12
CA LYS A 117 0.87 2.17 17.12
C LYS A 117 1.49 1.59 18.37
N VAL A 118 1.29 0.30 18.63
CA VAL A 118 1.84 -0.39 19.79
C VAL A 118 3.14 -1.09 19.40
N LEU A 119 3.15 -1.70 18.20
CA LEU A 119 4.28 -2.48 17.75
C LEU A 119 5.50 -1.67 17.30
N TYR A 120 5.33 -0.65 16.45
CA TYR A 120 6.51 0.01 15.89
C TYR A 120 7.41 0.63 16.95
N PRO A 121 6.96 1.24 18.04
CA PRO A 121 7.96 1.72 19.02
C PRO A 121 8.86 0.62 19.55
N THR A 122 8.52 -0.67 19.44
CA THR A 122 9.43 -1.68 19.99
C THR A 122 10.38 -2.27 18.97
N LEU A 123 10.27 -1.88 17.71
CA LEU A 123 11.15 -2.43 16.68
C LEU A 123 12.56 -1.88 16.78
N THR A 124 13.55 -2.77 16.67
CA THR A 124 14.95 -2.35 16.62
C THR A 124 15.34 -1.90 15.22
N ASP A 125 16.55 -1.35 15.10
CA ASP A 125 17.09 -0.98 13.78
C ASP A 125 17.01 -2.18 12.85
N TYR A 126 17.49 -3.34 13.28
CA TYR A 126 17.42 -4.51 12.44
C TYR A 126 15.99 -4.92 12.12
N ASP A 127 15.09 -4.91 13.08
CA ASP A 127 13.69 -5.27 12.81
C ASP A 127 13.06 -4.46 11.68
N ILE A 128 13.32 -3.16 11.64
CA ILE A 128 12.69 -2.38 10.56
C ILE A 128 13.23 -2.83 9.21
N ARG A 129 14.54 -3.10 9.14
CA ARG A 129 15.07 -3.55 7.85
C ARG A 129 14.37 -4.84 7.46
N TYR A 130 14.24 -5.71 8.46
CA TYR A 130 13.63 -7.02 8.19
C TYR A 130 12.20 -6.85 7.73
N TYR A 131 11.34 -6.13 8.45
CA TYR A 131 9.92 -6.10 8.03
C TYR A 131 9.71 -5.32 6.75
N ILE A 132 10.51 -4.28 6.53
CA ILE A 132 10.29 -3.58 5.25
C ILE A 132 10.73 -4.46 4.08
N TYR A 133 11.80 -5.22 4.28
CA TYR A 133 12.22 -6.21 3.29
C TYR A 133 11.07 -7.19 3.02
N GLU A 134 10.35 -7.62 4.06
CA GLU A 134 9.22 -8.53 3.85
C GLU A 134 8.08 -7.86 3.09
N LEU A 135 7.83 -6.60 3.38
CA LEU A 135 6.77 -5.89 2.64
C LEU A 135 7.16 -5.66 1.19
N LEU A 136 8.44 -5.44 0.89
CA LEU A 136 8.87 -5.27 -0.50
C LEU A 136 8.68 -6.55 -1.28
N LYS A 137 8.80 -7.70 -0.61
CA LYS A 137 8.59 -8.95 -1.34
C LYS A 137 7.18 -8.97 -1.91
N ALA A 138 6.21 -8.54 -1.11
CA ALA A 138 4.81 -8.47 -1.53
C ALA A 138 4.56 -7.47 -2.65
N LEU A 139 5.24 -6.33 -2.55
CA LEU A 139 5.02 -5.32 -3.58
C LEU A 139 5.69 -5.75 -4.87
N ASP A 140 6.95 -6.23 -4.80
CA ASP A 140 7.53 -6.69 -6.06
C ASP A 140 6.66 -7.79 -6.67
N TYR A 141 6.09 -8.63 -5.82
CA TYR A 141 5.25 -9.71 -6.36
C TYR A 141 4.00 -9.15 -7.03
N CYS A 142 3.18 -8.35 -6.33
CA CYS A 142 1.94 -7.89 -7.00
C CYS A 142 2.26 -7.01 -8.20
N HIS A 143 3.30 -6.17 -8.16
CA HIS A 143 3.60 -5.44 -9.40
C HIS A 143 3.96 -6.39 -10.54
N SER A 144 4.73 -7.43 -10.24
CA SER A 144 5.13 -8.39 -11.28
C SER A 144 3.93 -9.15 -11.84
N GLN A 145 2.83 -9.12 -11.09
CA GLN A 145 1.58 -9.75 -11.48
C GLN A 145 0.61 -8.74 -12.06
N GLY A 146 1.14 -7.55 -12.36
CA GLY A 146 0.33 -6.58 -13.09
C GLY A 146 -0.63 -5.80 -12.23
N ILE A 147 -0.43 -5.82 -10.90
CA ILE A 147 -1.39 -5.18 -10.01
C ILE A 147 -0.78 -4.09 -9.13
N MET A 148 -1.43 -2.94 -9.00
CA MET A 148 -1.03 -1.93 -8.03
C MET A 148 -1.92 -1.97 -6.79
N HIS A 149 -1.32 -1.90 -5.60
CA HIS A 149 -2.16 -1.99 -4.41
C HIS A 149 -2.96 -0.72 -4.17
N ARG A 150 -2.34 0.44 -4.30
CA ARG A 150 -2.90 1.77 -4.17
C ARG A 150 -3.45 2.10 -2.79
N ASP A 151 -3.04 1.38 -1.76
CA ASP A 151 -3.38 1.79 -0.38
C ASP A 151 -2.32 1.29 0.60
N VAL A 152 -1.05 1.42 0.26
CA VAL A 152 -0.01 0.98 1.21
C VAL A 152 0.04 1.95 2.38
N LYS A 153 -0.07 1.35 3.57
CA LYS A 153 0.03 2.07 4.83
C LYS A 153 0.17 1.05 5.95
N PRO A 154 0.65 1.44 7.12
CA PRO A 154 0.79 0.47 8.20
C PRO A 154 -0.50 -0.28 8.53
N HIS A 155 -1.65 0.37 8.47
CA HIS A 155 -2.93 -0.20 8.82
C HIS A 155 -3.25 -1.40 7.92
N ASN A 156 -2.60 -1.46 6.76
CA ASN A 156 -2.88 -2.55 5.84
C ASN A 156 -1.71 -3.53 5.73
N VAL A 157 -0.82 -3.48 6.72
CA VAL A 157 0.32 -4.39 6.83
C VAL A 157 0.21 -5.15 8.14
N MET A 158 -0.20 -6.42 8.08
CA MET A 158 -0.41 -7.18 9.31
C MET A 158 0.91 -7.81 9.74
N ILE A 159 1.31 -7.71 11.00
CA ILE A 159 2.58 -8.33 11.39
C ILE A 159 2.37 -9.18 12.63
N ASP A 160 2.80 -10.42 12.57
CA ASP A 160 2.90 -11.25 13.78
C ASP A 160 4.32 -11.11 14.27
N HIS A 161 4.55 -10.34 15.34
CA HIS A 161 5.96 -10.07 15.66
C HIS A 161 6.62 -11.29 16.29
N GLU A 162 5.85 -12.11 17.00
CA GLU A 162 6.43 -13.33 17.58
C GLU A 162 6.95 -14.24 16.47
N LEU A 163 6.16 -14.45 15.41
CA LEU A 163 6.57 -15.35 14.33
C LEU A 163 7.37 -14.63 13.26
N ARG A 164 7.49 -13.32 13.37
CA ARG A 164 8.17 -12.45 12.40
C ARG A 164 7.60 -12.67 11.00
N LYS A 165 6.28 -12.64 10.95
CA LYS A 165 5.53 -12.90 9.71
C LYS A 165 4.73 -11.66 9.30
N LEU A 166 4.71 -11.33 8.01
CA LEU A 166 4.02 -10.13 7.52
C LEU A 166 3.05 -10.50 6.38
N ARG A 167 1.89 -9.84 6.31
CA ARG A 167 0.95 -9.94 5.21
C ARG A 167 0.45 -8.55 4.79
N LEU A 168 0.38 -8.31 3.51
CA LEU A 168 -0.19 -7.11 2.88
C LEU A 168 -1.67 -7.38 2.63
N ILE A 169 -2.51 -6.60 3.28
CA ILE A 169 -3.95 -6.83 3.22
C ILE A 169 -4.71 -5.69 2.56
N ASP A 170 -6.03 -5.80 2.52
CA ASP A 170 -7.01 -4.85 2.01
C ASP A 170 -6.69 -4.35 0.59
N TRP A 171 -7.02 -5.20 -0.37
CA TRP A 171 -6.86 -5.03 -1.80
C TRP A 171 -8.06 -4.36 -2.45
N GLY A 172 -8.97 -3.78 -1.70
CA GLY A 172 -10.16 -3.12 -2.14
C GLY A 172 -9.89 -1.90 -3.00
N LEU A 173 -8.74 -1.24 -2.86
CA LEU A 173 -8.45 -0.08 -3.71
C LEU A 173 -7.54 -0.46 -4.85
N ALA A 174 -7.16 -1.73 -4.92
CA ALA A 174 -6.19 -2.14 -5.92
C ALA A 174 -6.77 -2.16 -7.33
N GLU A 175 -5.88 -2.13 -8.33
CA GLU A 175 -6.30 -2.16 -9.73
C GLU A 175 -5.27 -2.86 -10.59
N PHE A 176 -5.71 -3.28 -11.77
CA PHE A 176 -4.77 -3.79 -12.75
C PHE A 176 -4.03 -2.68 -13.49
N TYR A 177 -2.74 -2.83 -13.72
CA TYR A 177 -2.04 -1.77 -14.47
C TYR A 177 -2.18 -2.05 -15.97
N HIS A 178 -2.62 -1.07 -16.75
CA HIS A 178 -2.66 -1.17 -18.21
C HIS A 178 -1.99 0.08 -18.79
N PRO A 179 -0.99 -0.06 -19.63
CA PRO A 179 -0.30 1.11 -20.18
C PRO A 179 -1.26 2.15 -20.76
N GLY A 180 -1.05 3.41 -20.42
CA GLY A 180 -1.82 4.56 -20.80
C GLY A 180 -3.14 4.72 -20.11
N LYS A 181 -3.59 3.78 -19.26
CA LYS A 181 -4.92 3.98 -18.71
C LYS A 181 -4.95 5.10 -17.70
N GLU A 182 -6.09 5.80 -17.71
CA GLU A 182 -6.26 6.89 -16.75
C GLU A 182 -7.03 6.42 -15.54
N TYR A 183 -6.40 6.44 -14.37
CA TYR A 183 -7.02 5.93 -13.15
C TYR A 183 -7.65 7.04 -12.33
N ASN A 184 -8.59 6.66 -11.47
CA ASN A 184 -9.16 7.56 -10.49
C ASN A 184 -8.06 8.01 -9.52
N VAL A 185 -8.00 9.30 -9.19
CA VAL A 185 -6.89 9.61 -8.26
C VAL A 185 -7.35 9.55 -6.81
N ARG A 186 -8.62 9.23 -6.55
CA ARG A 186 -9.06 9.12 -5.16
C ARG A 186 -8.84 7.68 -4.68
N VAL A 187 -7.57 7.38 -4.45
CA VAL A 187 -7.16 6.10 -3.88
C VAL A 187 -6.10 6.40 -2.82
N ALA A 188 -5.56 5.41 -2.19
CA ALA A 188 -4.65 5.46 -1.06
C ALA A 188 -5.33 6.22 0.07
N SER A 189 -4.64 6.39 1.19
CA SER A 189 -5.23 7.21 2.27
C SER A 189 -4.42 8.49 2.32
N ARG A 190 -4.90 9.63 2.78
CA ARG A 190 -4.29 10.92 2.48
C ARG A 190 -2.80 11.07 2.72
N TYR A 191 -2.37 10.56 3.88
CA TYR A 191 -1.00 10.81 4.30
C TYR A 191 0.00 10.00 3.46
N PHE A 192 -0.51 9.04 2.71
CA PHE A 192 0.31 8.14 1.88
C PHE A 192 0.10 8.38 0.41
N LYS A 193 -0.65 9.44 0.09
CA LYS A 193 -0.98 9.69 -1.30
C LYS A 193 0.22 10.29 -2.04
N GLY A 194 0.51 9.79 -3.24
CA GLY A 194 1.66 10.34 -3.97
C GLY A 194 1.35 11.69 -4.61
N PRO A 195 2.38 12.45 -4.94
CA PRO A 195 2.16 13.74 -5.61
C PRO A 195 1.35 13.55 -6.89
N GLU A 196 1.49 12.41 -7.56
CA GLU A 196 0.69 12.26 -8.79
C GLU A 196 -0.80 12.35 -8.49
N LEU A 197 -1.21 11.76 -7.35
CA LEU A 197 -2.63 11.79 -7.00
C LEU A 197 -3.07 13.20 -6.63
N LEU A 198 -2.16 13.90 -5.98
CA LEU A 198 -2.52 15.24 -5.49
C LEU A 198 -2.49 16.30 -6.58
N VAL A 199 -1.90 15.99 -7.74
CA VAL A 199 -1.91 17.01 -8.80
C VAL A 199 -2.76 16.54 -9.98
N ASP A 200 -3.48 15.45 -9.82
CA ASP A 200 -4.44 14.93 -10.78
C ASP A 200 -3.78 14.31 -12.00
N LEU A 201 -2.57 13.76 -11.83
CA LEU A 201 -1.91 13.01 -12.89
C LEU A 201 -2.50 11.61 -12.88
N GLN A 202 -3.28 11.24 -13.87
CA GLN A 202 -4.09 10.05 -13.79
C GLN A 202 -3.41 8.81 -14.36
N ASP A 203 -2.39 8.99 -15.20
CA ASP A 203 -1.81 7.80 -15.83
C ASP A 203 -0.59 7.34 -15.02
N TYR A 204 -0.83 7.05 -13.74
CA TYR A 204 0.21 6.61 -12.82
C TYR A 204 0.37 5.10 -12.86
N ASP A 205 1.28 4.54 -12.06
CA ASP A 205 1.54 3.09 -12.15
C ASP A 205 1.96 2.51 -10.81
N TYR A 206 2.65 1.39 -10.84
CA TYR A 206 3.15 0.71 -9.65
C TYR A 206 3.94 1.63 -8.74
N SER A 207 4.63 2.60 -9.33
CA SER A 207 5.47 3.50 -8.54
C SER A 207 4.71 4.30 -7.49
N LEU A 208 3.40 4.50 -7.63
CA LEU A 208 2.63 5.09 -6.55
C LEU A 208 2.83 4.33 -5.24
N ASP A 209 2.84 3.00 -5.28
CA ASP A 209 3.04 2.22 -4.05
C ASP A 209 4.40 2.44 -3.38
N MET A 210 5.41 2.79 -4.18
CA MET A 210 6.73 3.09 -3.64
C MET A 210 6.76 4.44 -2.92
N TRP A 211 5.98 5.44 -3.34
CA TRP A 211 5.81 6.68 -2.58
C TRP A 211 5.19 6.35 -1.22
N SER A 212 4.08 5.62 -1.27
CA SER A 212 3.38 5.25 -0.04
C SER A 212 4.31 4.47 0.89
N LEU A 213 5.07 3.52 0.34
CA LEU A 213 6.05 2.80 1.16
C LEU A 213 7.03 3.75 1.83
N GLY A 214 7.53 4.70 1.04
CA GLY A 214 8.47 5.69 1.55
C GLY A 214 7.86 6.53 2.66
N CYS A 215 6.57 6.88 2.55
CA CYS A 215 5.88 7.58 3.65
C CYS A 215 5.85 6.75 4.92
N MET A 216 5.46 5.48 4.78
CA MET A 216 5.46 4.58 5.93
C MET A 216 6.83 4.42 6.55
N PHE A 217 7.84 4.27 5.68
CA PHE A 217 9.22 4.03 6.11
C PHE A 217 9.75 5.26 6.85
N ALA A 218 9.45 6.42 6.30
CA ALA A 218 9.94 7.65 6.96
C ALA A 218 9.30 7.75 8.33
N GLY A 219 8.00 7.44 8.41
CA GLY A 219 7.37 7.41 9.74
C GLY A 219 8.10 6.50 10.72
N MET A 220 8.51 5.31 10.29
CA MET A 220 9.15 4.34 11.18
C MET A 220 10.53 4.80 11.63
N ILE A 221 11.39 5.18 10.68
CA ILE A 221 12.76 5.50 11.11
C ILE A 221 12.80 6.82 11.89
N PHE A 222 11.93 7.77 11.57
CA PHE A 222 11.94 9.04 12.31
C PHE A 222 10.96 9.04 13.48
N ARG A 223 10.14 8.02 13.64
CA ARG A 223 9.12 7.95 14.70
C ARG A 223 8.26 9.21 14.63
N LYS A 224 7.74 9.51 13.46
CA LYS A 224 6.89 10.68 13.24
C LYS A 224 5.75 10.20 12.36
N GLU A 225 4.63 9.81 12.95
CA GLU A 225 3.61 9.13 12.16
C GLU A 225 2.30 9.90 12.24
N PRO A 226 1.67 10.33 11.16
CA PRO A 226 2.20 10.13 9.80
C PRO A 226 3.34 11.09 9.52
N PHE A 227 4.26 10.77 8.61
CA PHE A 227 5.38 11.66 8.34
C PHE A 227 4.91 12.96 7.70
N PHE A 228 4.03 12.83 6.72
CA PHE A 228 3.49 14.00 6.03
C PHE A 228 2.05 14.20 6.49
N TYR A 229 1.81 15.18 7.36
CA TYR A 229 0.48 15.24 7.99
C TYR A 229 -0.41 16.36 7.49
N GLY A 230 -1.06 16.22 6.34
CA GLY A 230 -1.92 17.28 5.82
C GLY A 230 -3.35 17.17 6.28
N HIS A 231 -4.11 18.27 6.33
CA HIS A 231 -5.49 18.16 6.84
C HIS A 231 -6.47 17.78 5.75
N ASP A 232 -6.15 18.22 4.54
CA ASP A 232 -6.93 17.91 3.34
C ASP A 232 -5.97 17.70 2.17
N ASN A 233 -6.52 17.39 1.00
CA ASN A 233 -5.63 16.98 -0.09
C ASN A 233 -4.74 18.12 -0.55
N HIS A 234 -5.19 19.37 -0.52
CA HIS A 234 -4.28 20.47 -0.87
C HIS A 234 -3.12 20.55 0.12
N ASP A 235 -3.52 20.58 1.39
CA ASP A 235 -2.54 20.67 2.48
C ASP A 235 -1.57 19.50 2.42
N GLN A 236 -1.98 18.32 1.98
CA GLN A 236 -1.03 17.20 1.85
C GLN A 236 0.12 17.54 0.94
N LEU A 237 -0.18 18.14 -0.22
CA LEU A 237 0.89 18.55 -1.14
C LEU A 237 1.76 19.61 -0.50
N VAL A 238 1.15 20.52 0.26
CA VAL A 238 1.95 21.58 0.89
C VAL A 238 2.93 20.95 1.87
N LYS A 239 2.53 20.01 2.71
CA LYS A 239 3.47 19.43 3.68
C LYS A 239 4.61 18.70 2.96
N ILE A 240 4.31 18.07 1.82
CA ILE A 240 5.39 17.41 1.09
C ILE A 240 6.39 18.43 0.57
N ALA A 241 5.84 19.43 -0.11
CA ALA A 241 6.56 20.55 -0.69
C ALA A 241 7.52 21.19 0.31
N LYS A 242 7.04 21.30 1.54
CA LYS A 242 7.85 21.93 2.58
C LYS A 242 9.01 21.02 2.98
N VAL A 243 9.01 19.77 2.52
CA VAL A 243 10.16 18.92 2.86
C VAL A 243 11.08 18.71 1.67
N LEU A 244 10.50 18.28 0.55
CA LEU A 244 11.27 18.05 -0.66
C LEU A 244 11.66 19.34 -1.37
N GLY A 245 11.00 20.45 -1.06
CA GLY A 245 11.32 21.72 -1.69
C GLY A 245 10.50 21.94 -2.95
N THR A 246 10.25 23.19 -3.33
CA THR A 246 9.39 23.44 -4.48
C THR A 246 10.18 23.44 -5.77
N ASP A 247 11.51 23.53 -5.68
CA ASP A 247 12.26 23.46 -6.94
C ASP A 247 12.01 22.14 -7.67
N GLY A 248 12.03 21.05 -6.93
CA GLY A 248 11.77 19.71 -7.46
C GLY A 248 10.32 19.57 -7.90
N LEU A 249 9.42 20.30 -7.24
CA LEU A 249 8.01 20.23 -7.65
C LEU A 249 7.80 20.90 -9.00
N ASN A 250 8.40 22.09 -9.14
CA ASN A 250 8.27 22.78 -10.41
C ASN A 250 8.83 21.96 -11.56
N VAL A 251 9.96 21.31 -11.37
CA VAL A 251 10.54 20.49 -12.43
C VAL A 251 9.54 19.42 -12.84
N TYR A 252 9.01 18.75 -11.82
CA TYR A 252 8.00 17.71 -11.99
C TYR A 252 6.74 18.19 -12.71
N LEU A 253 6.14 19.29 -12.29
CA LEU A 253 4.93 19.79 -12.95
C LEU A 253 5.19 20.12 -14.41
N ASN A 254 6.37 20.65 -14.69
CA ASN A 254 6.76 20.97 -16.06
C ASN A 254 6.99 19.73 -16.91
N LYS A 255 7.67 18.72 -16.35
CA LYS A 255 7.84 17.48 -17.10
C LYS A 255 6.55 16.85 -17.59
N TYR A 256 5.52 16.84 -16.75
CA TYR A 256 4.25 16.18 -17.08
C TYR A 256 3.20 17.18 -17.56
N ARG A 257 3.64 18.38 -17.83
CA ARG A 257 2.78 19.47 -18.32
C ARG A 257 1.56 19.63 -17.45
N ILE A 258 1.75 19.65 -16.13
CA ILE A 258 0.63 19.80 -15.22
C ILE A 258 0.56 21.24 -14.73
N GLU A 259 -0.66 21.71 -14.58
CA GLU A 259 -1.02 23.00 -14.05
C GLU A 259 -1.81 22.82 -12.75
N LEU A 260 -1.28 23.35 -11.67
CA LEU A 260 -1.91 23.33 -10.37
C LEU A 260 -3.13 24.24 -10.30
N ASP A 261 -4.22 23.83 -9.68
CA ASP A 261 -5.32 24.78 -9.47
C ASP A 261 -4.76 26.01 -8.75
N PRO A 262 -5.18 27.19 -9.20
CA PRO A 262 -4.67 28.45 -8.67
C PRO A 262 -4.63 28.51 -7.15
N GLN A 263 -5.68 27.98 -6.54
CA GLN A 263 -5.81 27.94 -5.08
C GLN A 263 -4.70 27.12 -4.44
N LEU A 264 -4.48 25.94 -5.01
CA LEU A 264 -3.42 25.04 -4.52
C LEU A 264 -2.06 25.72 -4.67
N GLU A 265 -1.86 26.36 -5.84
CA GLU A 265 -0.58 26.98 -6.09
C GLU A 265 -0.27 28.02 -5.02
N ALA A 266 -1.33 28.73 -4.63
CA ALA A 266 -1.15 29.76 -3.60
C ALA A 266 -0.82 29.11 -2.26
N LEU A 267 -1.53 28.01 -1.96
CA LEU A 267 -1.20 27.36 -0.70
C LEU A 267 0.21 26.79 -0.73
N VAL A 268 0.69 26.32 -1.88
CA VAL A 268 1.99 25.64 -1.90
C VAL A 268 3.14 26.61 -1.67
N GLY A 269 3.06 27.80 -2.29
CA GLY A 269 4.10 28.78 -2.00
C GLY A 269 5.47 28.41 -2.55
N ARG A 270 6.53 28.77 -1.85
CA ARG A 270 7.90 28.54 -2.28
C ARG A 270 8.72 28.00 -1.12
N HIS A 271 9.46 26.89 -1.22
CA HIS A 271 10.16 26.33 -0.06
C HIS A 271 11.47 25.64 -0.42
N SER A 272 12.51 25.82 0.38
CA SER A 272 13.75 25.09 0.26
C SER A 272 13.62 23.65 0.76
N ARG A 273 14.46 22.75 0.25
CA ARG A 273 14.44 21.38 0.80
C ARG A 273 14.99 21.36 2.23
N LYS A 274 14.34 20.57 3.06
CA LYS A 274 14.81 20.21 4.40
C LYS A 274 15.52 18.86 4.35
N PRO A 275 16.84 18.86 4.47
CA PRO A 275 17.65 17.64 4.35
C PRO A 275 17.19 16.56 5.32
N TRP A 276 17.32 15.29 4.98
CA TRP A 276 16.73 14.24 5.82
C TRP A 276 17.29 14.32 7.23
N LEU A 277 18.59 14.61 7.31
CA LEU A 277 19.23 14.63 8.62
C LEU A 277 18.55 15.58 9.59
N LYS A 278 17.87 16.61 9.11
CA LYS A 278 17.26 17.56 10.04
C LYS A 278 16.07 16.96 10.78
N PHE A 279 15.60 15.79 10.35
CA PHE A 279 14.52 15.13 11.07
C PHE A 279 15.05 14.25 12.19
N MET A 280 16.36 14.04 12.27
CA MET A 280 16.92 13.20 13.33
C MET A 280 16.81 13.90 14.68
N ASN A 281 16.54 13.19 15.76
CA ASN A 281 16.45 13.75 17.10
C ASN A 281 16.63 12.63 18.13
N ALA A 282 16.65 12.98 19.42
CA ALA A 282 16.89 11.96 20.44
C ALA A 282 15.86 10.84 20.41
N ASP A 283 14.69 11.01 19.82
CA ASP A 283 13.69 9.97 19.78
C ASP A 283 13.93 8.95 18.68
N ASN A 284 14.74 9.30 17.68
CA ASN A 284 14.89 8.36 16.55
C ASN A 284 16.34 8.06 16.19
N GLN A 285 17.25 8.62 17.00
CA GLN A 285 18.69 8.60 16.74
C GLN A 285 19.22 7.18 16.62
N HIS A 286 18.56 6.25 17.30
CA HIS A 286 18.95 4.85 17.25
C HIS A 286 18.51 4.17 15.95
N LEU A 287 17.77 4.88 15.10
CA LEU A 287 17.27 4.25 13.86
C LEU A 287 17.73 4.95 12.60
N VAL A 288 18.21 6.19 12.74
CA VAL A 288 18.54 6.95 11.54
C VAL A 288 19.99 6.73 11.12
N SER A 289 20.21 5.81 10.19
CA SER A 289 21.51 5.49 9.64
C SER A 289 21.65 6.10 8.23
N PRO A 290 22.86 6.38 7.82
CA PRO A 290 23.08 6.84 6.43
C PRO A 290 22.48 5.89 5.42
N GLU A 291 22.50 4.57 5.66
CA GLU A 291 21.92 3.68 4.66
C GLU A 291 20.40 3.81 4.66
N ALA A 292 19.79 3.92 5.85
CA ALA A 292 18.34 4.11 5.93
C ALA A 292 17.91 5.38 5.21
N ILE A 293 18.70 6.43 5.43
CA ILE A 293 18.42 7.69 4.77
C ILE A 293 18.60 7.60 3.26
N ASP A 294 19.66 6.95 2.79
CA ASP A 294 19.84 6.84 1.35
C ASP A 294 18.68 6.07 0.73
N PHE A 295 18.24 5.00 1.39
CA PHE A 295 17.11 4.24 0.82
C PHE A 295 15.84 5.09 0.80
N LEU A 296 15.50 5.78 1.89
CA LEU A 296 14.33 6.65 1.92
C LEU A 296 14.36 7.70 0.83
N ASP A 297 15.54 8.31 0.68
CA ASP A 297 15.74 9.39 -0.26
C ASP A 297 15.36 8.97 -1.67
N LYS A 298 15.61 7.69 -1.94
CA LYS A 298 15.39 7.16 -3.29
C LYS A 298 13.95 6.69 -3.49
N LEU A 299 13.13 6.74 -2.44
CA LEU A 299 11.72 6.39 -2.54
C LEU A 299 10.85 7.64 -2.69
N LEU A 300 11.23 8.65 -1.93
CA LEU A 300 10.43 9.86 -1.84
C LEU A 300 10.91 10.90 -2.85
N ARG A 301 10.49 10.66 -4.08
CA ARG A 301 10.79 11.51 -5.22
C ARG A 301 9.45 11.92 -5.83
N TYR A 302 9.32 13.22 -6.10
CA TYR A 302 8.12 13.71 -6.76
C TYR A 302 7.81 12.92 -8.02
N ASP A 303 8.83 12.77 -8.85
CA ASP A 303 8.65 12.10 -10.14
C ASP A 303 8.56 10.60 -9.90
N HIS A 304 7.39 10.05 -10.18
CA HIS A 304 7.15 8.63 -9.94
C HIS A 304 8.13 7.78 -10.73
N GLN A 305 8.55 8.29 -11.89
CA GLN A 305 9.46 7.55 -12.74
C GLN A 305 10.86 7.42 -12.15
N GLU A 306 11.23 8.26 -11.19
CA GLU A 306 12.54 8.32 -10.60
C GLU A 306 12.69 7.39 -9.39
N ARG A 307 11.54 6.97 -8.88
CA ARG A 307 11.59 6.21 -7.62
C ARG A 307 12.16 4.82 -7.85
N LEU A 308 12.79 4.31 -6.81
CA LEU A 308 13.16 2.90 -6.83
C LEU A 308 11.93 2.05 -7.13
N THR A 309 12.17 1.03 -7.95
CA THR A 309 11.18 -0.03 -8.09
C THR A 309 11.32 -0.97 -6.90
N ALA A 310 10.34 -1.84 -6.64
CA ALA A 310 10.43 -2.75 -5.51
C ALA A 310 11.64 -3.67 -5.66
N LEU A 311 11.83 -4.07 -6.91
CA LEU A 311 12.93 -5.00 -7.22
C LEU A 311 14.28 -4.38 -6.87
N GLU A 312 14.50 -3.16 -7.33
CA GLU A 312 15.70 -2.40 -6.99
C GLU A 312 15.83 -2.18 -5.49
N ALA A 313 14.71 -1.75 -4.89
CA ALA A 313 14.74 -1.51 -3.44
C ALA A 313 15.27 -2.69 -2.66
N MET A 314 14.84 -3.90 -3.00
CA MET A 314 15.29 -5.08 -2.27
C MET A 314 16.79 -5.30 -2.31
N THR A 315 17.48 -4.79 -3.32
CA THR A 315 18.93 -4.98 -3.38
C THR A 315 19.73 -3.85 -2.72
N HIS A 316 19.06 -2.84 -2.15
CA HIS A 316 19.81 -1.72 -1.56
C HIS A 316 20.68 -2.19 -0.42
N PRO A 317 21.92 -1.72 -0.26
CA PRO A 317 22.78 -2.14 0.86
C PRO A 317 22.17 -2.02 2.25
N TYR A 318 21.14 -1.18 2.41
CA TYR A 318 20.44 -1.12 3.69
C TYR A 318 20.01 -2.50 4.16
N PHE A 319 19.60 -3.34 3.20
CA PHE A 319 19.07 -4.65 3.58
C PHE A 319 20.13 -5.74 3.52
N GLN A 320 21.40 -5.40 3.50
CA GLN A 320 22.36 -6.45 3.14
C GLN A 320 22.42 -7.56 4.15
N GLN A 321 22.20 -7.27 5.43
CA GLN A 321 22.24 -8.36 6.40
C GLN A 321 21.00 -9.24 6.29
N VAL A 322 19.85 -8.64 5.99
CA VAL A 322 18.63 -9.42 5.82
C VAL A 322 18.80 -10.41 4.69
N ARG A 323 19.44 -9.93 3.60
CA ARG A 323 19.67 -10.84 2.48
C ARG A 323 20.64 -11.95 2.91
N ALA A 324 21.76 -11.60 3.54
CA ALA A 324 22.74 -12.60 3.98
C ALA A 324 22.07 -13.64 4.87
N ALA A 325 21.23 -13.15 5.79
CA ALA A 325 20.54 -14.11 6.66
C ALA A 325 19.64 -14.99 5.79
N GLU A 326 19.19 -14.43 4.69
CA GLU A 326 18.58 -15.07 3.54
C GLU A 326 17.10 -15.38 3.67
#